data_3T9M
#
_entry.id   3T9M
#
_cell.length_a   50.605
_cell.length_b   64.639
_cell.length_c   67.140
_cell.angle_alpha   90.00
_cell.angle_beta   90.00
_cell.angle_gamma   90.00
#
_symmetry.space_group_name_H-M   'P 21 21 21'
#
loop_
_entity.id
_entity.type
_entity.pdbx_description
1 polymer Beta-lactamase
2 non-polymer 'ACETATE ION'
3 water water
#
_entity_poly.entity_id   1
_entity_poly.type   'polypeptide(L)'
_entity_poly.pdbx_seq_one_letter_code
;AGMSLTQVSGPVYVVEDNYYVQENSMVYFGAKGVTVVGATWTPDTARELHKLIKRVSRKPVLEVINTNYHTDRAGGNAYW
KSIGAKVVSTRQTRDLMKSDWAEIVAFTRKGLPEYPDLPLVLPNVVHDGDFTLQEGKVRAFYAGPAHTPDGIFVYFPDEQ
VLYGNDILKEKLGNLSFADVKAYPQTLERLKAMKLPIKTVIGGHDSPLHGPELIDHYEALIKAAPQS
;
_entity_poly.pdbx_strand_id   A
#
loop_
_chem_comp.id
_chem_comp.type
_chem_comp.name
_chem_comp.formula
ACT non-polymer 'ACETATE ION' 'C2 H3 O2 -1'
#
# COMPACT_ATOMS: atom_id res chain seq x y z
N ALA A 1 -6.08 18.30 -5.97
CA ALA A 1 -7.21 17.50 -5.45
C ALA A 1 -6.80 16.68 -4.23
N GLY A 2 -7.76 16.35 -3.38
CA GLY A 2 -7.51 15.47 -2.23
C GLY A 2 -7.11 14.07 -2.65
N MET A 3 -7.72 13.59 -3.73
CA MET A 3 -7.51 12.22 -4.21
C MET A 3 -7.42 12.22 -5.75
N SER A 4 -6.43 11.54 -6.29
CA SER A 4 -6.31 11.39 -7.73
C SER A 4 -5.95 9.96 -8.06
N LEU A 5 -6.33 9.54 -9.27
CA LEU A 5 -6.03 8.20 -9.78
C LEU A 5 -5.46 8.32 -11.21
N THR A 6 -4.23 7.87 -11.39
CA THR A 6 -3.50 8.13 -12.64
C THR A 6 -2.87 6.83 -13.11
N GLN A 7 -3.05 6.53 -14.41
CA GLN A 7 -2.46 5.33 -14.99
C GLN A 7 -0.95 5.46 -14.92
N VAL A 8 -0.28 4.38 -14.52
CA VAL A 8 1.18 4.32 -14.63
C VAL A 8 1.57 3.53 -15.88
N SER A 9 1.02 2.33 -15.99
CA SER A 9 1.29 1.45 -17.13
C SER A 9 0.24 0.36 -17.18
N GLY A 10 -0.43 0.24 -18.32
CA GLY A 10 -1.49 -0.75 -18.50
C GLY A 10 -2.49 -0.67 -17.34
N PRO A 11 -2.79 -1.81 -16.71
CA PRO A 11 -3.76 -1.84 -15.59
C PRO A 11 -3.27 -1.29 -14.24
N VAL A 12 -2.01 -0.88 -14.18
CA VAL A 12 -1.40 -0.36 -12.97
C VAL A 12 -1.56 1.15 -12.87
N TYR A 13 -2.24 1.58 -11.80
CA TYR A 13 -2.53 2.99 -11.55
C TYR A 13 -1.95 3.40 -10.21
N VAL A 14 -1.68 4.69 -10.06
CA VAL A 14 -1.11 5.25 -8.84
C VAL A 14 -2.15 6.18 -8.25
N VAL A 15 -2.33 6.09 -6.94
CA VAL A 15 -3.19 6.97 -6.19
C VAL A 15 -2.35 8.07 -5.55
N GLU A 16 -2.76 9.32 -5.74
CA GLU A 16 -2.16 10.44 -4.99
C GLU A 16 -3.18 10.92 -3.98
N ASP A 17 -2.90 10.63 -2.73
CA ASP A 17 -3.81 10.95 -1.64
C ASP A 17 -3.18 12.07 -0.84
N ASN A 18 -3.70 13.29 -1.02
CA ASN A 18 -3.20 14.49 -0.35
C ASN A 18 -3.90 14.83 0.97
N TYR A 19 -4.85 14.00 1.39
CA TYR A 19 -5.45 14.19 2.70
C TYR A 19 -4.37 13.99 3.78
N TYR A 20 -4.46 14.76 4.86
CA TYR A 20 -3.59 14.59 6.02
C TYR A 20 -2.11 14.77 5.64
N VAL A 21 -1.34 13.70 5.52
CA VAL A 21 0.02 13.83 4.94
C VAL A 21 0.04 13.01 3.67
N GLN A 22 0.60 13.59 2.61
CA GLN A 22 0.54 12.99 1.28
CA GLN A 22 0.54 12.99 1.28
C GLN A 22 1.00 11.54 1.31
N GLU A 23 0.25 10.69 0.64
CA GLU A 23 0.63 9.29 0.47
C GLU A 23 0.22 8.82 -0.91
N ASN A 24 0.99 7.88 -1.44
CA ASN A 24 0.66 7.22 -2.68
C ASN A 24 0.28 5.77 -2.39
N SER A 25 -0.77 5.34 -3.05
CA SER A 25 -1.24 3.96 -3.01
C SER A 25 -1.35 3.50 -4.47
N MET A 26 -1.70 2.23 -4.69
CA MET A 26 -1.84 1.72 -6.06
C MET A 26 -3.20 1.07 -6.26
N VAL A 27 -3.58 0.97 -7.53
CA VAL A 27 -4.79 0.27 -7.93
C VAL A 27 -4.43 -0.55 -9.16
N TYR A 28 -4.81 -1.83 -9.14
CA TYR A 28 -4.60 -2.72 -10.27
C TYR A 28 -5.95 -3.15 -10.79
N PHE A 29 -6.23 -2.82 -12.04
CA PHE A 29 -7.49 -3.18 -12.68
C PHE A 29 -7.32 -4.50 -13.41
N GLY A 30 -7.81 -5.57 -12.80
CA GLY A 30 -7.61 -6.91 -13.30
C GLY A 30 -8.80 -7.47 -14.07
N ALA A 31 -8.63 -8.70 -14.56
CA ALA A 31 -9.64 -9.33 -15.40
C ALA A 31 -10.92 -9.59 -14.59
N LYS A 32 -10.76 -10.04 -13.35
CA LYS A 32 -11.90 -10.40 -12.50
C LYS A 32 -12.31 -9.27 -11.57
N GLY A 33 -11.43 -8.30 -11.40
CA GLY A 33 -11.72 -7.23 -10.47
C GLY A 33 -10.53 -6.39 -10.11
N VAL A 34 -10.73 -5.50 -9.14
CA VAL A 34 -9.75 -4.47 -8.81
C VAL A 34 -9.04 -4.84 -7.51
N THR A 35 -7.72 -4.71 -7.53
CA THR A 35 -6.91 -4.81 -6.32
C THR A 35 -6.42 -3.42 -5.91
N VAL A 36 -6.74 -3.00 -4.69
CA VAL A 36 -6.26 -1.74 -4.13
C VAL A 36 -5.07 -2.05 -3.18
N VAL A 37 -3.99 -1.31 -3.35
CA VAL A 37 -2.77 -1.52 -2.56
C VAL A 37 -2.57 -0.28 -1.69
N GLY A 38 -2.94 -0.39 -0.42
CA GLY A 38 -3.02 0.76 0.47
C GLY A 38 -4.47 1.18 0.60
N ALA A 39 -5.01 1.10 1.82
CA ALA A 39 -6.41 1.42 2.09
C ALA A 39 -6.71 2.94 2.10
N THR A 40 -5.66 3.77 2.05
CA THR A 40 -5.74 5.24 2.25
C THR A 40 -6.10 5.54 3.71
N TRP A 41 -6.09 6.84 4.06
CA TRP A 41 -6.11 7.31 5.45
C TRP A 41 -7.35 6.96 6.28
N THR A 42 -8.55 7.11 5.69
CA THR A 42 -9.79 6.97 6.47
C THR A 42 -10.87 6.32 5.63
N PRO A 43 -11.95 5.85 6.26
CA PRO A 43 -13.06 5.36 5.45
C PRO A 43 -13.59 6.40 4.44
N ASP A 44 -13.53 7.69 4.77
CA ASP A 44 -14.03 8.72 3.88
C ASP A 44 -13.08 8.98 2.69
N THR A 45 -11.77 8.91 2.90
CA THR A 45 -10.82 9.02 1.77
C THR A 45 -10.92 7.78 0.87
N ALA A 46 -11.11 6.62 1.48
CA ALA A 46 -11.40 5.36 0.75
C ALA A 46 -12.64 5.52 -0.16
N ARG A 47 -13.73 6.04 0.37
CA ARG A 47 -14.90 6.33 -0.49
C ARG A 47 -14.51 7.18 -1.70
N GLU A 48 -13.69 8.20 -1.47
CA GLU A 48 -13.32 9.09 -2.56
C GLU A 48 -12.50 8.37 -3.60
N LEU A 49 -11.60 7.50 -3.15
CA LEU A 49 -10.83 6.68 -4.09
C LEU A 49 -11.77 5.77 -4.87
N HIS A 50 -12.73 5.16 -4.17
CA HIS A 50 -13.66 4.21 -4.80
C HIS A 50 -14.40 4.88 -5.94
N LYS A 51 -14.87 6.10 -5.72
CA LYS A 51 -15.53 6.87 -6.77
C LYS A 51 -14.63 7.06 -7.99
N LEU A 52 -13.33 7.26 -7.77
CA LEU A 52 -12.39 7.39 -8.90
C LEU A 52 -12.18 6.04 -9.61
N ILE A 53 -12.17 4.95 -8.85
CA ILE A 53 -12.04 3.62 -9.43
C ILE A 53 -13.21 3.30 -10.39
N LYS A 54 -14.43 3.64 -9.97
CA LYS A 54 -15.64 3.35 -10.74
C LYS A 54 -15.73 4.10 -12.09
N ARG A 55 -14.94 5.15 -12.24
CA ARG A 55 -14.83 5.86 -13.53
C ARG A 55 -14.05 5.05 -14.52
N VAL A 56 -13.11 4.24 -14.05
CA VAL A 56 -12.30 3.40 -14.92
C VAL A 56 -12.90 2.01 -15.10
N SER A 57 -13.41 1.40 -14.03
CA SER A 57 -13.99 0.05 -14.10
C SER A 57 -15.10 -0.12 -13.06
N ARG A 58 -16.18 -0.80 -13.44
CA ARG A 58 -17.22 -1.21 -12.49
C ARG A 58 -17.02 -2.64 -11.98
N LYS A 59 -15.97 -3.32 -12.46
CA LYS A 59 -15.62 -4.64 -11.94
C LYS A 59 -15.41 -4.56 -10.42
N PRO A 60 -15.81 -5.62 -9.69
CA PRO A 60 -15.74 -5.58 -8.24
C PRO A 60 -14.34 -5.27 -7.71
N VAL A 61 -14.28 -4.51 -6.61
CA VAL A 61 -13.07 -4.35 -5.83
C VAL A 61 -12.98 -5.59 -4.95
N LEU A 62 -12.02 -6.46 -5.28
CA LEU A 62 -11.90 -7.78 -4.68
C LEU A 62 -11.21 -7.71 -3.34
N GLU A 63 -10.16 -6.89 -3.29
CA GLU A 63 -9.35 -6.79 -2.09
C GLU A 63 -8.58 -5.49 -2.01
N VAL A 64 -8.29 -5.12 -0.77
CA VAL A 64 -7.38 -4.02 -0.45
C VAL A 64 -6.24 -4.59 0.41
N ILE A 65 -5.02 -4.22 0.09
CA ILE A 65 -3.84 -4.68 0.82
C ILE A 65 -3.34 -3.61 1.79
N ASN A 66 -3.28 -3.96 3.08
CA ASN A 66 -2.60 -3.16 4.09
C ASN A 66 -1.11 -3.50 4.02
N THR A 67 -0.33 -2.61 3.40
CA THR A 67 1.07 -2.85 3.17
C THR A 67 1.89 -2.65 4.47
N ASN A 68 1.28 -1.98 5.45
CA ASN A 68 1.71 -2.05 6.85
C ASN A 68 0.51 -1.83 7.76
N TYR A 69 0.74 -1.81 9.08
CA TYR A 69 -0.36 -1.65 10.05
C TYR A 69 -0.76 -0.17 10.29
N HIS A 70 -0.06 0.77 9.65
CA HIS A 70 -0.26 2.19 9.94
C HIS A 70 -1.59 2.74 9.43
N THR A 71 -1.99 3.87 10.01
CA THR A 71 -3.23 4.51 9.67
C THR A 71 -3.32 4.90 8.20
N ASP A 72 -2.20 5.27 7.59
CA ASP A 72 -2.23 5.65 6.19
C ASP A 72 -2.32 4.48 5.23
N ARG A 73 -2.06 3.26 5.71
CA ARG A 73 -2.21 2.04 4.91
C ARG A 73 -3.45 1.23 5.23
N ALA A 74 -4.04 1.46 6.39
CA ALA A 74 -5.17 0.64 6.87
C ALA A 74 -6.42 1.42 7.28
N GLY A 75 -6.34 2.74 7.35
CA GLY A 75 -7.46 3.56 7.88
C GLY A 75 -8.76 3.38 7.12
N GLY A 76 -8.66 3.18 5.82
CA GLY A 76 -9.82 2.99 4.99
C GLY A 76 -10.49 1.63 5.09
N ASN A 77 -9.91 0.70 5.84
CA ASN A 77 -10.44 -0.67 5.91
C ASN A 77 -11.93 -0.79 6.12
N ALA A 78 -12.50 0.00 7.04
CA ALA A 78 -13.95 -0.08 7.30
C ALA A 78 -14.77 0.12 6.03
N TYR A 79 -14.35 1.07 5.20
CA TYR A 79 -15.05 1.33 3.94
C TYR A 79 -14.92 0.14 3.00
N TRP A 80 -13.69 -0.30 2.80
CA TRP A 80 -13.44 -1.42 1.90
C TRP A 80 -14.23 -2.66 2.32
N LYS A 81 -14.29 -2.98 3.60
CA LYS A 81 -15.14 -4.09 4.05
C LYS A 81 -16.62 -3.84 3.73
N SER A 82 -17.08 -2.59 3.86
CA SER A 82 -18.47 -2.23 3.55
C SER A 82 -18.89 -2.50 2.09
N ILE A 83 -17.94 -2.50 1.14
CA ILE A 83 -18.26 -2.79 -0.26
C ILE A 83 -17.92 -4.26 -0.64
N GLY A 84 -17.56 -5.07 0.36
CA GLY A 84 -17.34 -6.50 0.19
C GLY A 84 -15.93 -6.86 -0.26
N ALA A 85 -15.02 -5.89 -0.22
CA ALA A 85 -13.63 -6.15 -0.59
C ALA A 85 -12.96 -6.85 0.58
N LYS A 86 -12.14 -7.85 0.28
CA LYS A 86 -11.30 -8.48 1.30
C LYS A 86 -10.26 -7.48 1.78
N VAL A 87 -9.90 -7.57 3.07
CA VAL A 87 -8.75 -6.86 3.60
C VAL A 87 -7.61 -7.84 3.87
N VAL A 88 -6.50 -7.64 3.15
CA VAL A 88 -5.41 -8.58 3.01
C VAL A 88 -4.17 -8.00 3.69
N SER A 89 -3.41 -8.83 4.40
CA SER A 89 -2.11 -8.41 4.95
C SER A 89 -1.26 -9.64 5.23
N THR A 90 -0.02 -9.41 5.60
CA THR A 90 0.84 -10.45 6.11
C THR A 90 0.40 -10.71 7.55
N ARG A 91 0.82 -11.85 8.10
CA ARG A 91 0.49 -12.14 9.48
C ARG A 91 1.13 -11.13 10.43
N GLN A 92 2.35 -10.68 10.12
CA GLN A 92 3.06 -9.73 10.97
C GLN A 92 2.32 -8.40 11.03
N THR A 93 1.77 -7.97 9.90
CA THR A 93 1.01 -6.73 9.84
C THR A 93 -0.29 -6.84 10.65
N ARG A 94 -0.97 -7.99 10.54
CA ARG A 94 -2.25 -8.22 11.22
C ARG A 94 -2.05 -8.24 12.74
N ASP A 95 -1.05 -8.97 13.19
CA ASP A 95 -0.72 -9.07 14.61
C ASP A 95 -0.29 -7.73 15.21
N LEU A 96 0.54 -6.99 14.48
CA LEU A 96 0.95 -5.64 14.89
C LEU A 96 -0.21 -4.67 14.91
N MET A 97 -1.11 -4.77 13.93
CA MET A 97 -2.30 -3.94 13.92
C MET A 97 -3.17 -4.21 15.14
N LYS A 98 -3.33 -5.47 15.52
CA LYS A 98 -4.20 -5.79 16.65
C LYS A 98 -3.68 -5.16 17.95
N SER A 99 -2.37 -5.25 18.18
CA SER A 99 -1.78 -4.78 19.42
C SER A 99 -1.49 -3.27 19.43
N ASP A 100 -1.19 -2.69 18.27
CA ASP A 100 -0.68 -1.32 18.20
C ASP A 100 -1.58 -0.30 17.49
N TRP A 101 -2.76 -0.73 17.04
CA TRP A 101 -3.65 0.16 16.26
C TRP A 101 -4.04 1.39 17.05
N ALA A 102 -4.49 1.18 18.29
CA ALA A 102 -4.85 2.25 19.21
C ALA A 102 -3.70 3.25 19.35
N GLU A 103 -2.48 2.75 19.54
CA GLU A 103 -1.30 3.61 19.66
C GLU A 103 -0.97 4.36 18.36
N ILE A 104 -1.03 3.71 17.20
CA ILE A 104 -0.75 4.44 15.95
C ILE A 104 -1.87 5.48 15.62
N VAL A 105 -3.13 5.17 15.92
CA VAL A 105 -4.21 6.16 15.83
C VAL A 105 -3.94 7.35 16.76
N ALA A 106 -3.62 7.09 18.04
CA ALA A 106 -3.30 8.18 18.99
C ALA A 106 -2.11 9.01 18.48
N PHE A 107 -1.07 8.35 17.99
CA PHE A 107 0.09 9.05 17.47
C PHE A 107 -0.30 9.90 16.24
N THR A 108 -1.15 9.35 15.39
CA THR A 108 -1.63 10.07 14.20
C THR A 108 -2.37 11.36 14.59
N ARG A 109 -3.26 11.24 15.59
CA ARG A 109 -4.08 12.36 16.07
C ARG A 109 -3.26 13.46 16.76
N LYS A 110 -2.14 13.09 17.38
CA LYS A 110 -1.25 14.04 18.03
C LYS A 110 -0.79 15.13 17.04
N GLY A 111 -0.32 14.72 15.85
CA GLY A 111 0.15 15.68 14.84
C GLY A 111 -0.93 16.11 13.85
N LEU A 112 -2.03 15.35 13.80
CA LEU A 112 -3.15 15.63 12.89
C LEU A 112 -4.43 15.58 13.71
N PRO A 113 -4.74 16.68 14.43
CA PRO A 113 -5.90 16.70 15.33
C PRO A 113 -7.25 16.47 14.65
N GLU A 114 -7.33 16.72 13.34
CA GLU A 114 -8.56 16.48 12.56
C GLU A 114 -8.75 15.00 12.19
N TYR A 115 -7.70 14.19 12.34
CA TYR A 115 -7.79 12.77 11.98
C TYR A 115 -8.76 12.05 12.94
N PRO A 116 -9.64 11.19 12.40
CA PRO A 116 -10.68 10.58 13.23
C PRO A 116 -10.18 9.42 14.12
N ASP A 117 -10.90 9.18 15.21
CA ASP A 117 -10.59 8.10 16.15
C ASP A 117 -11.14 6.76 15.64
N LEU A 118 -10.43 6.18 14.68
CA LEU A 118 -10.91 5.01 13.95
C LEU A 118 -10.78 3.74 14.78
N PRO A 119 -11.89 2.99 14.93
CA PRO A 119 -11.73 1.71 15.60
C PRO A 119 -10.95 0.73 14.74
N LEU A 120 -10.28 -0.19 15.41
CA LEU A 120 -9.60 -1.32 14.76
C LEU A 120 -10.49 -2.10 13.76
N VAL A 121 -9.99 -2.23 12.53
CA VAL A 121 -10.60 -3.11 11.53
C VAL A 121 -9.49 -4.02 10.99
N LEU A 122 -9.44 -5.26 11.48
CA LEU A 122 -8.34 -6.17 11.12
C LEU A 122 -8.50 -6.74 9.71
N PRO A 123 -7.37 -7.11 9.09
CA PRO A 123 -7.40 -7.89 7.85
C PRO A 123 -8.20 -9.18 8.04
N ASN A 124 -8.89 -9.63 6.99
CA ASN A 124 -9.59 -10.93 7.04
C ASN A 124 -8.99 -11.97 6.10
N VAL A 125 -7.92 -11.59 5.41
CA VAL A 125 -7.11 -12.51 4.60
C VAL A 125 -5.67 -12.25 5.02
N VAL A 126 -5.05 -13.27 5.64
CA VAL A 126 -3.76 -13.12 6.30
C VAL A 126 -2.77 -14.10 5.69
N HIS A 127 -1.65 -13.58 5.20
CA HIS A 127 -0.65 -14.41 4.56
C HIS A 127 0.56 -14.57 5.49
N ASP A 128 1.02 -15.81 5.66
CA ASP A 128 2.16 -16.05 6.50
C ASP A 128 3.45 -15.56 5.88
N GLY A 129 3.51 -15.56 4.54
CA GLY A 129 4.70 -15.11 3.83
C GLY A 129 4.39 -14.25 2.61
N ASP A 130 5.24 -14.36 1.59
CA ASP A 130 5.05 -13.61 0.36
C ASP A 130 3.86 -14.22 -0.39
N PHE A 131 3.09 -13.38 -1.08
CA PHE A 131 1.90 -13.85 -1.77
C PHE A 131 1.66 -13.07 -3.05
N THR A 132 0.86 -13.65 -3.94
CA THR A 132 0.52 -13.01 -5.20
C THR A 132 -1.00 -12.89 -5.30
N LEU A 133 -1.46 -11.94 -6.10
CA LEU A 133 -2.87 -11.75 -6.39
C LEU A 133 -2.96 -11.55 -7.89
N GLN A 134 -4.17 -11.48 -8.43
CA GLN A 134 -4.38 -11.19 -9.85
C GLN A 134 -3.65 -12.19 -10.74
N GLU A 135 -3.81 -13.47 -10.39
CA GLU A 135 -3.24 -14.57 -11.16
C GLU A 135 -1.73 -14.35 -11.41
N GLY A 136 -1.05 -13.90 -10.35
CA GLY A 136 0.41 -13.70 -10.35
C GLY A 136 0.95 -12.35 -10.78
N LYS A 137 0.07 -11.45 -11.18
CA LYS A 137 0.50 -10.18 -11.76
CA LYS A 137 0.45 -10.17 -11.78
C LYS A 137 0.65 -9.06 -10.74
N VAL A 138 0.32 -9.36 -9.47
CA VAL A 138 0.60 -8.47 -8.36
C VAL A 138 1.30 -9.31 -7.28
N ARG A 139 2.55 -8.95 -6.96
CA ARG A 139 3.39 -9.78 -6.08
C ARG A 139 3.73 -9.05 -4.79
N ALA A 140 3.17 -9.51 -3.67
CA ALA A 140 3.41 -8.92 -2.34
C ALA A 140 4.57 -9.65 -1.67
N PHE A 141 5.57 -8.92 -1.16
CA PHE A 141 6.69 -9.55 -0.46
C PHE A 141 7.33 -8.71 0.64
N TYR A 142 7.90 -9.42 1.60
CA TYR A 142 8.59 -8.86 2.75
C TYR A 142 10.09 -9.04 2.56
N ALA A 143 10.85 -7.95 2.63
CA ALA A 143 12.32 -8.01 2.53
C ALA A 143 13.01 -7.61 3.84
N GLY A 144 12.27 -7.65 4.96
CA GLY A 144 12.81 -7.28 6.25
C GLY A 144 12.28 -5.93 6.68
N PRO A 145 12.57 -5.54 7.93
CA PRO A 145 12.05 -4.29 8.45
C PRO A 145 12.76 -3.06 7.88
N ALA A 146 12.01 -1.97 7.81
CA ALA A 146 12.55 -0.69 7.38
C ALA A 146 11.95 0.44 8.25
N HIS A 147 11.27 1.43 7.66
CA HIS A 147 10.67 2.49 8.50
C HIS A 147 9.59 1.89 9.42
N THR A 148 8.97 0.77 8.99
CA THR A 148 8.08 -0.02 9.86
C THR A 148 8.65 -1.45 10.03
N PRO A 149 8.26 -2.16 11.11
CA PRO A 149 8.78 -3.52 11.28
C PRO A 149 8.25 -4.52 10.25
N ASP A 150 7.07 -4.22 9.68
CA ASP A 150 6.25 -5.19 8.94
C ASP A 150 6.05 -4.84 7.48
N GLY A 151 6.52 -3.67 7.07
CA GLY A 151 6.18 -3.14 5.77
C GLY A 151 6.59 -4.06 4.63
N ILE A 152 5.67 -4.25 3.69
CA ILE A 152 5.92 -5.11 2.53
C ILE A 152 6.06 -4.27 1.28
N PHE A 153 6.63 -4.89 0.26
CA PHE A 153 6.70 -4.32 -1.06
C PHE A 153 5.59 -4.92 -1.92
N VAL A 154 5.25 -4.24 -3.01
CA VAL A 154 4.34 -4.81 -4.03
C VAL A 154 4.98 -4.53 -5.39
N TYR A 155 5.19 -5.63 -6.12
CA TYR A 155 5.83 -5.60 -7.44
C TYR A 155 4.82 -6.08 -8.49
N PHE A 156 4.85 -5.39 -9.65
CA PHE A 156 3.97 -5.66 -10.77
C PHE A 156 4.86 -6.13 -11.91
N PRO A 157 5.01 -7.47 -12.09
CA PRO A 157 6.03 -7.97 -13.00
C PRO A 157 5.85 -7.60 -14.47
N ASP A 158 4.61 -7.56 -14.98
CA ASP A 158 4.36 -7.24 -16.40
C ASP A 158 4.80 -5.83 -16.72
N GLU A 159 4.54 -4.93 -15.77
CA GLU A 159 4.80 -3.51 -15.96
C GLU A 159 6.13 -3.07 -15.35
N GLN A 160 6.76 -3.94 -14.55
CA GLN A 160 8.03 -3.64 -13.88
C GLN A 160 7.93 -2.39 -13.00
N VAL A 161 6.88 -2.35 -12.18
CA VAL A 161 6.66 -1.27 -11.25
C VAL A 161 6.90 -1.84 -9.86
N LEU A 162 7.73 -1.15 -9.06
CA LEU A 162 7.94 -1.57 -7.68
C LEU A 162 7.29 -0.51 -6.81
N TYR A 163 6.50 -0.96 -5.85
CA TYR A 163 5.82 -0.05 -4.96
C TYR A 163 6.11 -0.38 -3.52
N GLY A 164 6.29 0.66 -2.72
CA GLY A 164 6.25 0.52 -1.29
C GLY A 164 7.54 0.76 -0.55
N ASN A 165 7.35 0.84 0.77
CA ASN A 165 8.42 0.88 1.74
C ASN A 165 9.34 2.10 1.64
N ASP A 166 8.84 3.15 0.98
CA ASP A 166 9.59 4.39 0.76
C ASP A 166 10.90 4.17 0.02
N ILE A 167 10.97 3.09 -0.75
CA ILE A 167 12.11 2.82 -1.61
C ILE A 167 12.12 3.84 -2.76
N LEU A 168 13.29 4.14 -3.28
CA LEU A 168 13.42 5.00 -4.44
C LEU A 168 14.46 4.43 -5.40
N LYS A 169 14.43 4.91 -6.63
CA LYS A 169 15.44 4.58 -7.62
C LYS A 169 16.30 5.81 -7.79
N GLU A 170 17.58 5.69 -7.46
CA GLU A 170 18.55 6.78 -7.63
C GLU A 170 18.74 7.14 -9.10
N LYS A 171 19.42 8.26 -9.36
CA LYS A 171 19.66 8.69 -10.74
C LYS A 171 20.44 7.61 -11.50
N LEU A 172 21.47 7.09 -10.84
CA LEU A 172 22.35 6.09 -11.45
C LEU A 172 21.77 4.67 -11.48
N GLY A 173 20.52 4.51 -11.06
CA GLY A 173 19.78 3.29 -11.34
C GLY A 173 19.58 2.36 -10.16
N ASN A 174 20.39 2.51 -9.11
CA ASN A 174 20.31 1.60 -7.96
C ASN A 174 19.13 1.90 -7.02
N LEU A 175 18.55 0.87 -6.43
CA LEU A 175 17.51 1.08 -5.43
C LEU A 175 18.12 1.59 -4.12
N SER A 176 17.37 2.41 -3.39
CA SER A 176 17.85 2.95 -2.13
C SER A 176 16.67 3.43 -1.29
N PHE A 177 16.85 3.49 0.03
CA PHE A 177 15.99 4.30 0.86
C PHE A 177 16.51 5.75 0.86
N ALA A 178 15.70 6.66 1.38
CA ALA A 178 16.07 8.09 1.36
C ALA A 178 17.42 8.31 2.03
N ASP A 179 17.58 7.71 3.21
CA ASP A 179 18.86 7.62 3.91
C ASP A 179 19.65 6.47 3.27
N VAL A 180 20.72 6.80 2.56
CA VAL A 180 21.54 5.78 1.89
C VAL A 180 22.18 4.74 2.83
N LYS A 181 22.30 5.06 4.11
CA LYS A 181 22.86 4.11 5.07
C LYS A 181 21.78 3.32 5.81
N ALA A 182 20.51 3.60 5.53
CA ALA A 182 19.42 2.99 6.29
C ALA A 182 19.14 1.56 5.83
N TYR A 183 18.81 0.70 6.78
CA TYR A 183 18.29 -0.63 6.52
C TYR A 183 19.09 -1.45 5.51
N PRO A 184 20.43 -1.58 5.72
CA PRO A 184 21.27 -2.27 4.74
C PRO A 184 20.84 -3.71 4.47
N GLN A 185 20.44 -4.42 5.52
CA GLN A 185 20.04 -5.83 5.38
C GLN A 185 18.79 -5.97 4.52
N THR A 186 17.82 -5.09 4.76
CA THR A 186 16.58 -5.10 3.98
C THR A 186 16.86 -4.68 2.53
N LEU A 187 17.71 -3.69 2.35
CA LEU A 187 18.07 -3.25 1.02
C LEU A 187 18.80 -4.36 0.24
N GLU A 188 19.77 -5.02 0.87
CA GLU A 188 20.44 -6.11 0.18
C GLU A 188 19.49 -7.23 -0.21
N ARG A 189 18.56 -7.57 0.69
CA ARG A 189 17.56 -8.61 0.41
C ARG A 189 16.69 -8.26 -0.82
N LEU A 190 16.23 -7.02 -0.88
CA LEU A 190 15.53 -6.49 -2.05
C LEU A 190 16.39 -6.57 -3.32
N LYS A 191 17.62 -6.07 -3.25
CA LYS A 191 18.52 -6.06 -4.41
C LYS A 191 18.81 -7.48 -4.88
N ALA A 192 18.85 -8.44 -3.93
CA ALA A 192 19.14 -9.84 -4.26
C ALA A 192 18.06 -10.46 -5.16
N MET A 193 16.87 -9.88 -5.18
CA MET A 193 15.80 -10.40 -6.03
C MET A 193 15.99 -10.05 -7.50
N LYS A 194 16.89 -9.11 -7.77
CA LYS A 194 17.20 -8.70 -9.14
C LYS A 194 15.92 -8.52 -9.97
N LEU A 195 15.00 -7.71 -9.45
CA LEU A 195 13.75 -7.44 -10.14
C LEU A 195 14.00 -6.52 -11.34
N PRO A 196 13.41 -6.85 -12.49
CA PRO A 196 13.35 -5.86 -13.57
C PRO A 196 12.49 -4.67 -13.14
N ILE A 197 13.04 -3.46 -13.22
CA ILE A 197 12.42 -2.26 -12.69
C ILE A 197 12.48 -1.15 -13.73
N LYS A 198 11.31 -0.62 -14.09
CA LYS A 198 11.21 0.60 -14.90
C LYS A 198 10.74 1.78 -14.07
N THR A 199 9.87 1.53 -13.08
CA THR A 199 9.24 2.59 -12.30
C THR A 199 9.22 2.18 -10.83
N VAL A 200 9.62 3.10 -9.96
CA VAL A 200 9.61 2.89 -8.52
C VAL A 200 8.77 3.98 -7.88
N ILE A 201 7.80 3.57 -7.04
CA ILE A 201 6.91 4.48 -6.33
C ILE A 201 6.95 4.08 -4.86
N GLY A 202 7.65 4.85 -4.03
CA GLY A 202 7.88 4.44 -2.63
C GLY A 202 6.68 4.48 -1.72
N GLY A 203 5.76 5.41 -1.96
CA GLY A 203 4.52 5.51 -1.16
C GLY A 203 4.28 6.85 -0.46
N HIS A 204 5.30 7.70 -0.39
CA HIS A 204 5.18 9.04 0.21
C HIS A 204 5.96 10.03 -0.65
N ASP A 205 5.42 11.23 -0.84
CA ASP A 205 6.09 12.34 -1.53
C ASP A 205 6.25 12.17 -3.05
N SER A 206 5.72 13.13 -3.80
CA SER A 206 5.77 13.13 -5.27
C SER A 206 5.29 11.79 -5.84
C ACT B . -6.30 20.94 -8.33
O ACT B . -5.93 21.85 -7.58
OXT ACT B . -7.22 20.21 -7.89
CH3 ACT B . -5.70 20.72 -9.68
C ACT C . 4.12 5.26 7.04
O ACT C . 5.14 5.82 6.58
OXT ACT C . 3.87 5.56 8.23
CH3 ACT C . 3.27 4.30 6.26
#